data_5JQ8
#
_entry.id   5JQ8
#
_cell.length_a   53.670
_cell.length_b   71.670
_cell.length_c   71.980
_cell.angle_alpha   90.00
_cell.angle_beta   90.00
_cell.angle_gamma   90.00
#
_symmetry.space_group_name_H-M   'P 21 21 21'
#
loop_
_entity.id
_entity.type
_entity.pdbx_description
1 polymer 'Cyclin-dependent kinase 2'
2 non-polymer (3S,4S)-4-[[[7-[(phenylmethyl)amino]-3-propan-2-yl-pyrazolo[1,5-a]pyrimidin-5-yl]amino]methyl]piperidin-3-ol
3 water water
#
_entity_poly.entity_id   1
_entity_poly.type   'polypeptide(L)'
_entity_poly.pdbx_seq_one_letter_code
;MENFQKVEKIGEGTYGVVYKARNKLTGEVVALKKIRLDTETEGVPSTAIREISLLKELNHPNIVKLLDVIHTENKLYLVF
EFLHQDLKKFMDASALTGIPLPLIKSYLFQLLQGLAFCHSHRVLHRDLKPQNLLINTEGAIKLADFGLARAFGVPVRTYT
HEVVTLWYRAPEILLGCKYYSTAVDIWSLGCIFAEMVTRRALFPGDSEIDQLFRIFRTLGTPDEVVWPGVTSMPDYKPSF
PKWARQDFSKVVPPLDEDGRSLLSQMLHYDPNKRISAKAALAHPFFQDVTKPVPHLRL
;
_entity_poly.pdbx_strand_id   A
#
loop_
_chem_comp.id
_chem_comp.type
_chem_comp.name
_chem_comp.formula
I73 non-polymer (3S,4S)-4-[[[7-[(phenylmethyl)amino]-3-propan-2-yl-pyrazolo[1,5-a]pyrimidin-5-yl]amino]methyl]piperidin-3-ol 'C22 H30 N6 O'
#
# COMPACT_ATOMS: atom_id res chain seq x y z
N ASN A 3 10.93 -18.97 -22.60
CA ASN A 3 9.86 -19.88 -22.05
C ASN A 3 8.53 -19.13 -21.99
N PHE A 4 8.59 -17.82 -22.20
CA PHE A 4 7.41 -16.94 -22.12
C PHE A 4 7.19 -16.04 -23.31
N GLN A 5 5.96 -16.02 -23.79
CA GLN A 5 5.58 -15.14 -24.86
C GLN A 5 5.03 -13.85 -24.32
N LYS A 6 5.71 -12.76 -24.61
CA LYS A 6 5.25 -11.42 -24.22
C LYS A 6 3.96 -11.08 -24.95
N VAL A 7 2.96 -10.58 -24.21
CA VAL A 7 1.69 -10.17 -24.78
C VAL A 7 1.60 -8.65 -24.82
N GLU A 8 1.87 -7.98 -23.70
CA GLU A 8 1.85 -6.52 -23.60
C GLU A 8 2.48 -6.02 -22.33
N LYS A 9 2.86 -4.75 -22.38
CA LYS A 9 3.53 -4.09 -21.29
C LYS A 9 2.48 -3.57 -20.36
N ILE A 10 2.61 -3.96 -19.11
CA ILE A 10 1.54 -3.87 -18.16
C ILE A 10 1.87 -2.84 -17.09
N GLY A 11 3.05 -2.25 -17.23
CA GLY A 11 3.50 -1.37 -16.16
C GLY A 11 4.99 -1.32 -16.03
N GLU A 12 5.43 -0.42 -15.15
CA GLU A 12 6.85 -0.17 -15.00
C GLU A 12 7.10 0.25 -13.57
N GLY A 13 7.78 -0.63 -12.87
CA GLY A 13 8.01 -0.47 -11.45
C GLY A 13 9.39 0.05 -11.13
N THR A 14 9.56 0.34 -9.86
CA THR A 14 10.87 0.62 -9.32
C THR A 14 11.83 -0.42 -9.89
N TYR A 15 11.49 -1.70 -9.70
CA TYR A 15 12.42 -2.80 -9.87
C TYR A 15 12.60 -3.37 -11.29
N GLY A 16 11.95 -2.77 -12.28
CA GLY A 16 12.11 -3.16 -13.67
C GLY A 16 10.76 -3.16 -14.34
N VAL A 17 10.70 -3.60 -15.59
CA VAL A 17 9.46 -3.52 -16.36
C VAL A 17 8.64 -4.84 -16.30
N VAL A 18 7.31 -4.69 -16.40
CA VAL A 18 6.37 -5.82 -16.22
C VAL A 18 5.54 -6.09 -17.47
N TYR A 19 5.55 -7.34 -17.94
CA TYR A 19 4.77 -7.81 -19.09
C TYR A 19 3.72 -8.85 -18.71
N LYS A 20 2.55 -8.72 -19.28
CA LYS A 20 1.63 -9.83 -19.32
C LYS A 20 2.24 -10.81 -20.32
N ALA A 21 2.29 -12.07 -19.92
CA ALA A 21 2.97 -13.10 -20.66
C ALA A 21 2.26 -14.47 -20.56
N ARG A 22 2.53 -15.33 -21.54
CA ARG A 22 1.96 -16.66 -21.60
C ARG A 22 3.06 -17.70 -21.56
N ASN A 23 2.92 -18.65 -20.66
CA ASN A 23 3.84 -19.73 -20.58
C ASN A 23 3.59 -20.67 -21.78
N LYS A 24 4.59 -20.87 -22.63
CA LYS A 24 4.36 -21.69 -23.85
C LYS A 24 4.11 -23.16 -23.60
N LEU A 25 4.51 -23.66 -22.43
CA LEU A 25 4.30 -25.06 -22.06
C LEU A 25 3.00 -25.33 -21.29
N THR A 26 2.66 -24.45 -20.35
CA THR A 26 1.46 -24.66 -19.54
C THR A 26 0.15 -24.04 -20.09
N GLY A 27 0.31 -23.08 -21.00
CA GLY A 27 -0.78 -22.21 -21.40
C GLY A 27 -1.07 -21.07 -20.41
N GLU A 28 -0.34 -21.01 -19.30
CA GLU A 28 -0.63 -20.06 -18.18
C GLU A 28 -0.35 -18.60 -18.56
N VAL A 29 -1.25 -17.71 -18.14
CA VAL A 29 -1.14 -16.27 -18.36
C VAL A 29 -0.64 -15.78 -17.00
N VAL A 30 0.42 -14.97 -17.02
CA VAL A 30 1.18 -14.50 -15.86
C VAL A 30 1.68 -13.05 -16.12
N ALA A 31 2.18 -12.43 -15.06
CA ALA A 31 2.80 -11.12 -15.12
C ALA A 31 4.27 -11.44 -14.89
N LEU A 32 5.05 -11.11 -15.90
CA LEU A 32 6.51 -11.39 -15.93
C LEU A 32 7.25 -10.11 -15.64
N LYS A 33 7.99 -10.11 -14.54
CA LYS A 33 8.71 -8.91 -14.15
C LYS A 33 10.22 -9.17 -14.26
N LYS A 34 10.89 -8.35 -15.04
CA LYS A 34 12.32 -8.55 -15.22
C LYS A 34 13.03 -7.49 -14.38
N ILE A 35 13.91 -7.93 -13.51
CA ILE A 35 14.53 -7.03 -12.55
C ILE A 35 15.87 -6.48 -13.05
N PRO A 45 23.16 -10.12 -7.07
CA PRO A 45 23.70 -10.30 -5.73
C PRO A 45 22.96 -11.41 -4.96
N SER A 46 23.72 -12.37 -4.44
CA SER A 46 23.22 -13.56 -3.74
C SER A 46 22.21 -13.31 -2.61
N THR A 47 22.37 -12.14 -1.98
CA THR A 47 21.50 -11.66 -0.91
C THR A 47 20.06 -11.43 -1.40
N ALA A 48 19.91 -10.81 -2.57
CA ALA A 48 18.58 -10.57 -3.12
C ALA A 48 17.94 -11.91 -3.40
N ILE A 49 18.71 -12.86 -3.95
CA ILE A 49 18.20 -14.21 -4.26
C ILE A 49 17.58 -14.92 -3.06
N ARG A 50 18.25 -14.88 -1.92
CA ARG A 50 17.72 -15.59 -0.75
C ARG A 50 16.47 -14.91 -0.22
N GLU A 51 16.42 -13.57 -0.32
CA GLU A 51 15.30 -12.83 0.24
C GLU A 51 14.07 -13.13 -0.61
N ILE A 52 14.26 -12.98 -1.91
CA ILE A 52 13.21 -13.22 -2.87
C ILE A 52 12.68 -14.65 -2.79
N SER A 53 13.54 -15.66 -2.71
CA SER A 53 13.09 -17.03 -2.52
C SER A 53 12.24 -17.23 -1.24
N LEU A 54 12.50 -16.46 -0.20
CA LEU A 54 11.68 -16.54 1.02
C LEU A 54 10.23 -16.04 0.72
N LEU A 55 10.09 -15.15 -0.27
CA LEU A 55 8.80 -14.63 -0.68
C LEU A 55 7.92 -15.64 -1.37
N LYS A 56 8.51 -16.66 -1.96
CA LYS A 56 7.78 -17.75 -2.59
C LYS A 56 6.90 -18.51 -1.60
N GLU A 57 7.25 -18.47 -0.31
CA GLU A 57 6.47 -19.21 0.72
C GLU A 57 5.45 -18.31 1.39
N LEU A 58 5.50 -17.03 1.11
CA LEU A 58 4.67 -16.12 1.82
C LEU A 58 3.36 -16.01 1.03
N ASN A 59 2.46 -16.99 1.23
CA ASN A 59 1.30 -17.18 0.37
C ASN A 59 0.02 -16.87 1.08
N HIS A 60 -0.81 -16.03 0.47
CA HIS A 60 -2.09 -15.60 1.08
C HIS A 60 -3.06 -15.20 -0.01
N PRO A 61 -4.39 -15.42 0.17
CA PRO A 61 -5.29 -15.03 -0.91
C PRO A 61 -5.30 -13.53 -1.25
N ASN A 62 -4.84 -12.67 -0.34
CA ASN A 62 -4.81 -11.23 -0.57
C ASN A 62 -3.44 -10.74 -0.89
N ILE A 63 -2.57 -11.66 -1.34
CA ILE A 63 -1.22 -11.31 -1.77
C ILE A 63 -1.00 -11.92 -3.19
N VAL A 64 -0.60 -11.10 -4.13
CA VAL A 64 -0.28 -11.58 -5.49
C VAL A 64 0.73 -12.73 -5.39
N LYS A 65 0.34 -13.91 -5.88
CA LYS A 65 1.16 -15.09 -5.77
C LYS A 65 2.47 -14.99 -6.63
N LEU A 66 3.64 -15.14 -5.98
CA LEU A 66 4.90 -15.24 -6.68
C LEU A 66 4.99 -16.69 -7.18
N LEU A 67 4.95 -16.89 -8.49
CA LEU A 67 4.86 -18.29 -8.99
C LEU A 67 6.24 -18.82 -9.09
N ASP A 68 7.19 -17.99 -9.53
CA ASP A 68 8.49 -18.52 -9.79
C ASP A 68 9.50 -17.41 -9.80
N VAL A 69 10.71 -17.76 -9.38
CA VAL A 69 11.89 -16.93 -9.43
C VAL A 69 12.89 -17.59 -10.37
N ILE A 70 13.11 -16.93 -11.50
CA ILE A 70 13.95 -17.51 -12.52
C ILE A 70 15.24 -16.75 -12.54
N HIS A 71 16.20 -17.34 -11.82
CA HIS A 71 17.57 -16.92 -11.87
C HIS A 71 18.34 -17.75 -12.91
N THR A 72 18.48 -17.19 -14.12
CA THR A 72 19.21 -17.81 -15.22
C THR A 72 19.87 -16.76 -16.12
N GLU A 73 20.88 -17.25 -16.87
CA GLU A 73 21.80 -16.44 -17.72
C GLU A 73 22.20 -15.13 -17.04
N ASN A 74 22.50 -15.25 -15.75
CA ASN A 74 22.85 -14.13 -14.88
C ASN A 74 21.83 -12.99 -14.90
N LYS A 75 20.54 -13.37 -14.91
CA LYS A 75 19.41 -12.41 -14.82
C LYS A 75 18.25 -12.81 -13.88
N LEU A 76 17.43 -11.82 -13.48
CA LEU A 76 16.31 -12.08 -12.55
C LEU A 76 14.93 -11.75 -13.15
N TYR A 77 14.08 -12.75 -13.20
CA TYR A 77 12.67 -12.61 -13.62
C TYR A 77 11.84 -13.15 -12.50
N LEU A 78 10.81 -12.40 -12.12
CA LEU A 78 9.84 -12.89 -11.16
C LEU A 78 8.52 -13.17 -11.95
N VAL A 79 7.92 -14.35 -11.76
CA VAL A 79 6.69 -14.73 -12.46
C VAL A 79 5.58 -14.65 -11.41
N PHE A 80 4.63 -13.74 -11.63
CA PHE A 80 3.55 -13.54 -10.69
C PHE A 80 2.24 -14.03 -11.29
N GLU A 81 1.29 -14.48 -10.45
CA GLU A 81 -0.13 -14.43 -10.82
C GLU A 81 -0.51 -13.12 -11.57
N PHE A 82 -1.33 -13.17 -12.61
CA PHE A 82 -1.75 -11.96 -13.35
C PHE A 82 -3.14 -11.57 -12.82
N LEU A 83 -3.34 -10.28 -12.57
CA LEU A 83 -4.69 -9.72 -12.30
C LEU A 83 -5.01 -8.68 -13.32
N HIS A 84 -6.31 -8.46 -13.53
CA HIS A 84 -6.61 -7.71 -14.73
C HIS A 84 -6.64 -6.22 -14.58
N GLN A 85 -6.57 -5.71 -13.34
CA GLN A 85 -6.90 -4.31 -13.14
C GLN A 85 -6.24 -3.81 -11.87
N ASP A 86 -5.78 -2.58 -11.81
CA ASP A 86 -5.29 -2.05 -10.51
C ASP A 86 -6.21 -1.02 -9.88
N LEU A 87 -5.97 -0.70 -8.60
CA LEU A 87 -6.92 0.11 -7.87
C LEU A 87 -6.89 1.55 -8.39
N LYS A 88 -5.78 2.01 -8.95
CA LYS A 88 -5.73 3.40 -9.46
C LYS A 88 -6.70 3.53 -10.63
N LYS A 89 -6.64 2.53 -11.49
CA LYS A 89 -7.44 2.55 -12.70
C LYS A 89 -8.90 2.35 -12.39
N PHE A 90 -9.17 1.55 -11.36
CA PHE A 90 -10.56 1.36 -10.90
C PHE A 90 -11.08 2.65 -10.29
N MET A 91 -10.22 3.36 -9.58
CA MET A 91 -10.61 4.68 -8.98
C MET A 91 -10.82 5.77 -10.03
N ASP A 92 -9.91 5.85 -11.01
CA ASP A 92 -10.03 6.81 -12.12
C ASP A 92 -11.29 6.50 -12.89
N ALA A 93 -11.57 5.22 -13.11
CA ALA A 93 -12.80 4.78 -13.76
C ALA A 93 -14.07 4.91 -12.91
N SER A 94 -13.96 4.94 -11.58
CA SER A 94 -15.12 5.15 -10.69
C SER A 94 -15.31 6.62 -10.26
N ALA A 95 -14.61 7.54 -10.92
CA ALA A 95 -14.55 8.96 -10.53
C ALA A 95 -15.89 9.70 -10.34
N LEU A 96 -16.90 9.45 -11.20
CA LEU A 96 -18.12 10.26 -11.14
C LEU A 96 -18.99 9.94 -9.93
N THR A 97 -19.12 8.66 -9.58
CA THR A 97 -19.93 8.28 -8.39
C THR A 97 -19.10 7.85 -7.18
N GLY A 98 -17.80 7.64 -7.33
CA GLY A 98 -17.00 7.04 -6.26
C GLY A 98 -17.29 5.54 -6.15
N ILE A 99 -16.30 4.81 -5.63
CA ILE A 99 -16.48 3.45 -5.21
C ILE A 99 -17.48 3.41 -4.10
N PRO A 100 -18.52 2.58 -4.23
CA PRO A 100 -19.47 2.48 -3.16
C PRO A 100 -18.84 2.05 -1.84
N LEU A 101 -19.35 2.62 -0.73
CA LEU A 101 -18.85 2.33 0.61
C LEU A 101 -18.70 0.84 1.00
N PRO A 102 -19.71 -0.03 0.71
CA PRO A 102 -19.52 -1.43 1.09
C PRO A 102 -18.33 -2.09 0.32
N LEU A 103 -18.06 -1.63 -0.90
CA LEU A 103 -16.91 -2.14 -1.63
C LEU A 103 -15.55 -1.57 -1.08
N ILE A 104 -15.56 -0.30 -0.70
CA ILE A 104 -14.40 0.30 -0.08
C ILE A 104 -14.05 -0.47 1.17
N LYS A 105 -15.06 -0.82 1.93
CA LYS A 105 -14.85 -1.44 3.20
C LYS A 105 -14.33 -2.85 2.97
N SER A 106 -14.90 -3.53 1.97
CA SER A 106 -14.50 -4.90 1.73
C SER A 106 -13.02 -4.92 1.24
N TYR A 107 -12.65 -3.97 0.40
CA TYR A 107 -11.23 -3.87 -0.05
C TYR A 107 -10.29 -3.55 1.12
N LEU A 108 -10.70 -2.58 1.95
CA LEU A 108 -9.92 -2.29 3.13
C LEU A 108 -9.75 -3.52 4.05
N PHE A 109 -10.82 -4.25 4.23
CA PHE A 109 -10.80 -5.38 5.13
C PHE A 109 -9.94 -6.46 4.57
N GLN A 110 -10.02 -6.65 3.26
CA GLN A 110 -9.15 -7.71 2.69
C GLN A 110 -7.66 -7.36 2.72
N LEU A 111 -7.35 -6.10 2.49
CA LEU A 111 -5.94 -5.61 2.50
C LEU A 111 -5.35 -5.71 3.89
N LEU A 112 -6.16 -5.38 4.91
CA LEU A 112 -5.78 -5.58 6.29
C LEU A 112 -5.58 -7.05 6.63
N GLN A 113 -6.41 -7.96 6.09
CA GLN A 113 -6.06 -9.41 6.20
C GLN A 113 -4.68 -9.77 5.63
N GLY A 114 -4.39 -9.35 4.42
CA GLY A 114 -3.05 -9.59 3.81
C GLY A 114 -1.91 -8.96 4.64
N LEU A 115 -2.15 -7.77 5.16
CA LEU A 115 -1.08 -7.15 5.96
C LEU A 115 -0.95 -7.90 7.28
N ALA A 116 -2.06 -8.25 7.93
CA ALA A 116 -1.94 -9.00 9.23
C ALA A 116 -1.12 -10.30 9.00
N PHE A 117 -1.39 -11.00 7.88
CA PHE A 117 -0.57 -12.15 7.45
C PHE A 117 0.95 -11.86 7.31
N CYS A 118 1.34 -10.91 6.44
CA CYS A 118 2.74 -10.63 6.20
C CYS A 118 3.45 -10.16 7.48
N HIS A 119 2.82 -9.20 8.19
CA HIS A 119 3.33 -8.65 9.43
C HIS A 119 3.55 -9.69 10.52
N SER A 120 2.63 -10.67 10.58
CA SER A 120 2.78 -11.80 11.53
C SER A 120 4.01 -12.58 11.15
N HIS A 121 4.36 -12.61 9.86
CA HIS A 121 5.65 -13.22 9.41
C HIS A 121 6.82 -12.25 9.29
N ARG A 122 6.65 -11.08 9.90
CA ARG A 122 7.72 -10.07 10.02
C ARG A 122 8.18 -9.57 8.64
N VAL A 123 7.28 -9.60 7.65
CA VAL A 123 7.62 -9.10 6.31
C VAL A 123 6.79 -7.81 6.10
N LEU A 124 7.43 -6.72 5.69
CA LEU A 124 6.77 -5.45 5.43
C LEU A 124 6.63 -5.28 3.93
N HIS A 125 5.67 -4.46 3.50
CA HIS A 125 5.68 -4.00 2.11
C HIS A 125 6.65 -2.82 1.84
N ARG A 126 6.44 -1.71 2.57
CA ARG A 126 7.21 -0.43 2.46
C ARG A 126 6.76 0.51 1.35
N ASP A 127 6.07 0.01 0.35
CA ASP A 127 5.66 0.93 -0.77
C ASP A 127 4.23 0.65 -1.21
N LEU A 128 3.32 0.55 -0.26
CA LEU A 128 1.90 0.41 -0.70
C LEU A 128 1.41 1.64 -1.43
N LYS A 129 0.66 1.43 -2.51
CA LYS A 129 0.13 2.53 -3.27
C LYS A 129 -0.98 1.93 -4.15
N PRO A 130 -1.93 2.76 -4.63
CA PRO A 130 -2.98 2.20 -5.48
C PRO A 130 -2.47 1.35 -6.65
N GLN A 131 -1.38 1.75 -7.32
CA GLN A 131 -0.87 0.96 -8.47
C GLN A 131 -0.37 -0.46 -8.05
N ASN A 132 -0.08 -0.65 -6.77
CA ASN A 132 0.37 -1.95 -6.17
C ASN A 132 -0.77 -2.77 -5.60
N LEU A 133 -2.02 -2.40 -5.87
CA LEU A 133 -3.17 -3.09 -5.25
C LEU A 133 -4.00 -3.56 -6.43
N LEU A 134 -4.12 -4.85 -6.62
CA LEU A 134 -4.69 -5.35 -7.83
C LEU A 134 -5.97 -6.06 -7.56
N ILE A 135 -6.91 -6.02 -8.51
CA ILE A 135 -8.29 -6.47 -8.24
C ILE A 135 -8.72 -7.47 -9.33
N ASN A 136 -9.60 -8.39 -8.97
CA ASN A 136 -10.20 -9.27 -9.97
C ASN A 136 -11.70 -9.11 -10.10
N THR A 137 -12.31 -9.94 -10.95
CA THR A 137 -13.76 -9.83 -11.16
C THR A 137 -14.55 -10.48 -9.99
N GLU A 138 -13.89 -11.25 -9.15
CA GLU A 138 -14.54 -11.95 -8.06
C GLU A 138 -14.78 -11.07 -6.83
N GLY A 139 -14.44 -9.77 -6.87
CA GLY A 139 -14.44 -8.93 -5.68
C GLY A 139 -13.20 -9.01 -4.78
N ALA A 140 -12.14 -9.71 -5.22
CA ALA A 140 -10.89 -9.80 -4.44
C ALA A 140 -9.96 -8.60 -4.66
N ILE A 141 -9.20 -8.24 -3.67
CA ILE A 141 -8.12 -7.19 -3.85
C ILE A 141 -6.84 -7.76 -3.26
N LYS A 142 -5.72 -7.55 -3.96
CA LYS A 142 -4.44 -8.17 -3.57
C LYS A 142 -3.27 -7.22 -3.52
N LEU A 143 -2.40 -7.46 -2.54
CA LEU A 143 -1.15 -6.71 -2.49
C LEU A 143 -0.11 -7.30 -3.38
N ALA A 144 0.50 -6.43 -4.20
CA ALA A 144 1.54 -6.77 -5.20
C ALA A 144 2.89 -6.18 -4.80
N ASP A 145 3.96 -6.89 -5.12
CA ASP A 145 5.36 -6.48 -4.79
C ASP A 145 5.77 -6.55 -3.35
N PHE A 146 5.07 -7.39 -2.60
CA PHE A 146 5.34 -7.51 -1.17
C PHE A 146 6.75 -8.00 -0.98
N GLY A 147 7.50 -7.41 -0.07
CA GLY A 147 8.87 -7.83 0.19
C GLY A 147 9.97 -7.43 -0.77
N LEU A 148 9.60 -6.92 -1.96
CA LEU A 148 10.61 -6.51 -2.95
C LEU A 148 11.52 -5.33 -2.50
N ALA A 149 11.08 -4.47 -1.57
CA ALA A 149 11.93 -3.32 -1.22
C ALA A 149 13.09 -3.71 -0.25
N ARG A 150 12.80 -4.66 0.62
CA ARG A 150 13.79 -5.23 1.53
C ARG A 150 14.68 -6.23 0.75
N ALA A 151 14.15 -6.85 -0.29
CA ALA A 151 14.92 -7.78 -1.11
C ALA A 151 15.89 -6.97 -1.95
N PHE A 152 15.41 -5.88 -2.54
CA PHE A 152 16.32 -4.94 -3.23
C PHE A 152 16.54 -3.63 -2.42
N GLU A 162 10.94 7.38 -14.30
CA GLU A 162 9.73 7.80 -13.57
C GLU A 162 10.02 8.13 -12.08
N VAL A 163 9.43 9.22 -11.59
CA VAL A 163 9.58 9.66 -10.16
C VAL A 163 8.79 8.73 -9.21
N VAL A 164 9.44 8.24 -8.16
CA VAL A 164 8.73 7.37 -7.19
C VAL A 164 7.74 8.21 -6.30
N THR A 165 6.50 7.77 -6.14
CA THR A 165 5.51 8.63 -5.48
C THR A 165 5.78 8.62 -3.98
N LEU A 166 5.52 9.74 -3.33
CA LEU A 166 5.80 9.87 -1.89
C LEU A 166 4.52 9.99 -1.12
N TRP A 167 3.42 10.04 -1.86
CA TRP A 167 2.09 10.35 -1.32
C TRP A 167 1.66 9.45 -0.20
N TYR A 168 2.20 8.23 -0.17
CA TYR A 168 1.78 7.21 0.80
C TYR A 168 2.87 6.93 1.83
N ARG A 169 3.93 7.72 1.81
CA ARG A 169 5.09 7.47 2.74
C ARG A 169 4.84 7.92 4.17
N ALA A 170 5.10 7.05 5.17
CA ALA A 170 4.82 7.36 6.56
C ALA A 170 5.82 8.44 7.06
N PRO A 171 5.38 9.24 8.03
CA PRO A 171 6.21 10.39 8.44
C PRO A 171 7.53 9.96 9.06
N GLU A 172 7.62 8.75 9.66
CA GLU A 172 8.89 8.39 10.31
C GLU A 172 9.96 8.11 9.21
N ILE A 173 9.50 7.71 8.00
CA ILE A 173 10.42 7.43 6.91
C ILE A 173 10.95 8.78 6.46
N LEU A 174 10.04 9.72 6.22
CA LEU A 174 10.34 11.06 5.77
C LEU A 174 11.24 11.81 6.72
N LEU A 175 11.16 11.46 8.03
CA LEU A 175 11.95 12.07 9.10
C LEU A 175 13.28 11.35 9.28
N GLY A 176 13.53 10.35 8.46
CA GLY A 176 14.83 9.70 8.37
C GLY A 176 15.04 8.58 9.34
N CYS A 177 13.94 8.02 9.87
CA CYS A 177 14.06 6.84 10.75
C CYS A 177 14.63 5.71 9.85
N LYS A 178 15.67 5.05 10.34
CA LYS A 178 16.39 4.05 9.54
C LYS A 178 15.72 2.70 9.68
N TYR A 179 14.95 2.51 10.74
CA TYR A 179 14.46 1.17 11.12
C TYR A 179 12.97 1.06 11.17
N TYR A 180 12.35 1.21 10.02
CA TYR A 180 10.91 1.19 9.97
C TYR A 180 10.24 -0.15 10.36
N SER A 181 9.00 -0.03 10.82
CA SER A 181 8.26 -1.14 11.37
C SER A 181 7.04 -1.43 10.44
N THR A 182 6.30 -2.45 10.79
CA THR A 182 5.03 -2.73 10.13
C THR A 182 4.06 -1.54 10.11
N ALA A 183 4.24 -0.59 11.01
CA ALA A 183 3.38 0.62 11.07
C ALA A 183 3.43 1.42 9.79
N VAL A 184 4.53 1.28 9.06
CA VAL A 184 4.61 2.08 7.83
C VAL A 184 3.52 1.62 6.81
N ASP A 185 3.23 0.32 6.76
CA ASP A 185 2.17 -0.19 5.83
C ASP A 185 0.75 0.24 6.25
N ILE A 186 0.55 0.42 7.55
CA ILE A 186 -0.78 0.79 8.04
C ILE A 186 -0.99 2.28 7.62
N TRP A 187 0.08 3.08 7.74
CA TRP A 187 -0.02 4.50 7.33
C TRP A 187 -0.42 4.55 5.87
N SER A 188 0.28 3.78 5.03
CA SER A 188 0.01 3.87 3.57
C SER A 188 -1.40 3.46 3.31
N LEU A 189 -1.78 2.39 3.99
CA LEU A 189 -3.13 1.88 3.72
C LEU A 189 -4.16 2.90 4.20
N GLY A 190 -3.86 3.54 5.32
CA GLY A 190 -4.70 4.66 5.79
C GLY A 190 -4.91 5.70 4.73
N CYS A 191 -3.83 6.09 4.11
CA CYS A 191 -3.87 7.09 3.01
C CYS A 191 -4.71 6.66 1.82
N ILE A 192 -4.54 5.41 1.39
CA ILE A 192 -5.36 4.85 0.33
C ILE A 192 -6.85 4.80 0.69
N PHE A 193 -7.18 4.44 1.91
CA PHE A 193 -8.60 4.41 2.40
C PHE A 193 -9.24 5.79 2.18
N ALA A 194 -8.59 6.82 2.72
CA ALA A 194 -9.04 8.25 2.62
C ALA A 194 -9.28 8.59 1.15
N GLU A 195 -8.34 8.24 0.31
CA GLU A 195 -8.47 8.52 -1.12
C GLU A 195 -9.62 7.83 -1.81
N MET A 196 -9.90 6.57 -1.44
CA MET A 196 -11.05 5.87 -2.05
C MET A 196 -12.35 6.58 -1.67
N VAL A 197 -12.39 7.07 -0.44
CA VAL A 197 -13.55 7.69 0.10
C VAL A 197 -13.73 9.06 -0.51
N THR A 198 -12.69 9.90 -0.48
CA THR A 198 -12.87 11.28 -1.00
C THR A 198 -12.71 11.47 -2.49
N ARG A 199 -12.08 10.52 -3.17
CA ARG A 199 -11.75 10.57 -4.63
C ARG A 199 -10.66 11.59 -4.94
N ARG A 200 -9.85 11.92 -3.93
CA ARG A 200 -8.68 12.81 -4.03
C ARG A 200 -7.54 12.19 -3.20
N ALA A 201 -6.28 12.26 -3.66
CA ALA A 201 -5.23 11.76 -2.76
C ALA A 201 -5.19 12.61 -1.50
N LEU A 202 -4.85 11.99 -0.40
CA LEU A 202 -4.88 12.68 0.86
C LEU A 202 -3.70 13.68 0.99
N PHE A 203 -2.50 13.21 0.67
CA PHE A 203 -1.24 13.96 0.90
C PHE A 203 -0.46 13.92 -0.42
N PRO A 204 -0.89 14.70 -1.47
CA PRO A 204 -0.13 14.57 -2.73
C PRO A 204 1.22 15.40 -2.82
N GLY A 205 2.21 15.05 -2.02
CA GLY A 205 3.50 15.71 -2.07
C GLY A 205 4.27 15.51 -3.37
N ASP A 206 5.02 16.53 -3.73
CA ASP A 206 5.84 16.42 -4.88
C ASP A 206 7.30 16.58 -4.57
N SER A 207 7.64 16.57 -3.28
CA SER A 207 9.01 16.41 -2.81
C SER A 207 8.92 15.97 -1.36
N GLU A 208 10.04 15.64 -0.76
CA GLU A 208 9.98 15.15 0.63
C GLU A 208 9.52 16.16 1.64
N ILE A 209 9.96 17.43 1.44
CA ILE A 209 9.52 18.47 2.32
C ILE A 209 8.11 18.88 2.04
N ASP A 210 7.70 18.90 0.77
CA ASP A 210 6.30 19.22 0.49
C ASP A 210 5.37 18.11 1.09
N GLN A 211 5.84 16.86 0.99
CA GLN A 211 5.06 15.71 1.50
C GLN A 211 4.87 15.81 3.02
N LEU A 212 5.97 16.13 3.68
CA LEU A 212 5.98 16.28 5.11
C LEU A 212 5.16 17.42 5.54
N PHE A 213 5.33 18.59 4.83
CA PHE A 213 4.51 19.71 5.14
C PHE A 213 3.05 19.58 4.84
N ARG A 214 2.65 18.79 3.83
CA ARG A 214 1.23 18.45 3.64
C ARG A 214 0.69 17.59 4.74
N ILE A 215 1.47 16.63 5.24
CA ILE A 215 1.01 15.84 6.41
C ILE A 215 0.83 16.83 7.61
N PHE A 216 1.84 17.67 7.87
CA PHE A 216 1.75 18.57 9.04
C PHE A 216 0.54 19.50 8.93
N ARG A 217 0.25 20.00 7.72
CA ARG A 217 -0.86 20.94 7.53
C ARG A 217 -2.20 20.34 7.88
N THR A 218 -2.32 19.02 7.68
CA THR A 218 -3.61 18.35 7.91
C THR A 218 -3.69 17.81 9.33
N LEU A 219 -2.61 17.19 9.81
CA LEU A 219 -2.63 16.45 11.10
C LEU A 219 -2.01 17.20 12.27
N GLY A 220 -1.50 18.42 12.00
CA GLY A 220 -0.78 19.20 12.98
C GLY A 220 0.70 18.89 12.91
N THR A 221 1.54 19.89 13.16
CA THR A 221 2.97 19.57 13.31
C THR A 221 3.17 18.64 14.53
N PRO A 222 3.86 17.51 14.34
CA PRO A 222 3.99 16.64 15.50
C PRO A 222 4.96 17.22 16.49
N ASP A 223 4.68 17.00 17.77
CA ASP A 223 5.58 17.37 18.81
C ASP A 223 5.82 16.27 19.80
N GLU A 224 6.56 16.61 20.84
CA GLU A 224 6.90 15.64 21.86
C GLU A 224 5.67 15.09 22.60
N VAL A 225 4.57 15.84 22.61
CA VAL A 225 3.36 15.38 23.29
C VAL A 225 2.73 14.20 22.47
N VAL A 226 2.45 14.42 21.19
CA VAL A 226 1.84 13.35 20.37
C VAL A 226 2.83 12.28 19.88
N TRP A 227 4.11 12.63 19.80
CA TRP A 227 5.08 11.68 19.26
C TRP A 227 6.39 11.86 20.00
N PRO A 228 6.50 11.16 21.14
CA PRO A 228 7.74 11.18 21.90
C PRO A 228 8.92 10.62 21.10
N GLY A 229 10.02 11.37 21.12
CA GLY A 229 11.23 10.98 20.38
C GLY A 229 11.28 11.67 19.02
N VAL A 230 10.22 12.38 18.65
CA VAL A 230 10.16 12.96 17.32
C VAL A 230 11.27 13.99 17.05
N THR A 231 11.55 14.83 18.05
CA THR A 231 12.46 15.98 17.82
C THR A 231 13.88 15.51 17.75
N SER A 232 14.12 14.29 18.18
CA SER A 232 15.40 13.64 18.03
C SER A 232 15.56 12.92 16.69
N MET A 233 14.55 12.93 15.83
CA MET A 233 14.69 12.19 14.55
C MET A 233 15.70 12.85 13.60
N PRO A 234 16.43 12.05 12.79
CA PRO A 234 17.53 12.56 11.94
C PRO A 234 17.19 13.82 11.10
N ASP A 235 16.04 13.84 10.39
CA ASP A 235 15.70 14.99 9.59
C ASP A 235 14.68 15.89 10.29
N TYR A 236 14.52 15.76 11.61
CA TYR A 236 13.63 16.70 12.27
C TYR A 236 14.40 18.02 12.40
N LYS A 237 13.74 19.16 12.22
CA LYS A 237 14.33 20.50 12.42
C LYS A 237 13.39 21.29 13.31
N PRO A 238 13.95 21.96 14.34
CA PRO A 238 13.21 22.73 15.33
C PRO A 238 12.54 23.82 14.59
N SER A 239 13.06 24.09 13.40
CA SER A 239 12.58 25.18 12.60
C SER A 239 11.39 24.87 11.69
N PHE A 240 10.88 23.61 11.70
CA PHE A 240 9.63 23.27 10.99
C PHE A 240 8.56 24.26 11.37
N PRO A 241 7.74 24.68 10.40
CA PRO A 241 6.62 25.45 10.99
C PRO A 241 5.69 24.58 11.85
N LYS A 242 4.97 25.25 12.76
CA LYS A 242 4.06 24.59 13.69
C LYS A 242 2.61 24.89 13.29
N TRP A 243 1.98 23.96 12.56
CA TRP A 243 0.56 24.00 12.15
C TRP A 243 -0.33 23.24 13.13
N ALA A 244 -1.56 23.72 13.33
CA ALA A 244 -2.52 23.07 14.24
C ALA A 244 -3.24 21.99 13.46
N ARG A 245 -3.70 20.93 14.15
CA ARG A 245 -4.48 19.87 13.46
C ARG A 245 -5.84 20.36 12.96
N GLN A 246 -6.38 19.64 11.97
CA GLN A 246 -7.77 19.76 11.48
C GLN A 246 -8.60 18.54 11.88
N ASP A 247 -9.94 18.66 11.87
CA ASP A 247 -10.84 17.56 12.27
C ASP A 247 -11.04 16.60 11.11
N PHE A 248 -10.95 15.31 11.38
CA PHE A 248 -11.31 14.28 10.38
C PHE A 248 -12.64 14.49 9.67
N SER A 249 -13.55 15.27 10.26
CA SER A 249 -14.77 15.50 9.56
C SER A 249 -14.56 16.48 8.41
N LYS A 250 -13.56 17.37 8.49
CA LYS A 250 -13.19 18.29 7.38
C LYS A 250 -12.34 17.53 6.35
N VAL A 251 -11.60 16.54 6.85
CA VAL A 251 -10.60 15.82 6.03
C VAL A 251 -11.22 14.73 5.16
N VAL A 252 -12.04 13.85 5.73
CA VAL A 252 -12.69 12.84 4.90
C VAL A 252 -14.23 12.77 4.82
N PRO A 253 -14.94 13.92 4.69
CA PRO A 253 -16.35 13.67 4.60
C PRO A 253 -16.51 12.91 3.28
N PRO A 254 -17.52 12.04 3.14
CA PRO A 254 -18.66 11.67 3.97
C PRO A 254 -18.42 10.40 4.78
N LEU A 255 -17.18 10.16 5.19
CA LEU A 255 -16.97 8.93 5.95
C LEU A 255 -17.67 8.99 7.31
N ASP A 256 -18.38 7.93 7.67
CA ASP A 256 -19.05 7.88 8.96
C ASP A 256 -18.11 7.81 10.20
N GLU A 257 -18.71 7.81 11.39
CA GLU A 257 -17.92 7.99 12.59
C GLU A 257 -16.97 6.82 12.83
N ASP A 258 -17.45 5.61 12.51
CA ASP A 258 -16.54 4.43 12.65
C ASP A 258 -15.35 4.50 11.68
N GLY A 259 -15.65 4.79 10.44
CA GLY A 259 -14.55 4.92 9.47
C GLY A 259 -13.62 6.04 9.83
N ARG A 260 -14.18 7.15 10.32
CA ARG A 260 -13.26 8.22 10.82
C ARG A 260 -12.39 7.83 12.03
N SER A 261 -12.96 7.08 13.00
CA SER A 261 -12.25 6.61 14.14
C SER A 261 -11.12 5.61 13.74
N LEU A 262 -11.46 4.60 12.95
CA LEU A 262 -10.38 3.72 12.36
C LEU A 262 -9.25 4.54 11.60
N LEU A 263 -9.64 5.44 10.73
CA LEU A 263 -8.63 6.11 9.91
C LEU A 263 -7.68 6.86 10.85
N SER A 264 -8.24 7.50 11.85
CA SER A 264 -7.37 8.35 12.72
C SER A 264 -6.36 7.50 13.46
N GLN A 265 -6.76 6.24 13.76
CA GLN A 265 -5.81 5.31 14.40
C GLN A 265 -4.75 4.74 13.44
N MET A 266 -5.13 4.62 12.17
CA MET A 266 -4.20 4.28 11.10
C MET A 266 -3.25 5.44 10.76
N LEU A 267 -3.65 6.68 11.06
CA LEU A 267 -2.79 7.85 10.79
C LEU A 267 -2.10 8.48 12.04
N HIS A 268 -2.07 7.76 13.15
CA HIS A 268 -1.37 8.22 14.37
C HIS A 268 0.11 8.53 14.03
N TYR A 269 0.60 9.69 14.46
CA TYR A 269 2.03 9.99 14.23
C TYR A 269 2.92 8.92 14.77
N ASP A 270 2.80 8.61 16.08
CA ASP A 270 3.74 7.72 16.72
C ASP A 270 3.55 6.31 16.15
N PRO A 271 4.62 5.68 15.57
CA PRO A 271 4.36 4.39 14.94
C PRO A 271 4.01 3.33 15.94
N ASN A 272 4.43 3.50 17.20
CA ASN A 272 4.05 2.60 18.27
C ASN A 272 2.60 2.67 18.73
N LYS A 273 1.96 3.82 18.53
CA LYS A 273 0.55 4.03 18.85
C LYS A 273 -0.37 3.69 17.66
N ARG A 274 0.19 3.69 16.46
CA ARG A 274 -0.57 3.32 15.25
C ARG A 274 -1.23 1.92 15.40
N ILE A 275 -2.48 1.78 14.96
CA ILE A 275 -3.22 0.50 15.18
C ILE A 275 -2.48 -0.53 14.32
N SER A 276 -2.44 -1.77 14.78
CA SER A 276 -1.98 -2.86 13.94
C SER A 276 -3.02 -3.35 12.97
N ALA A 277 -2.59 -4.15 11.98
CA ALA A 277 -3.56 -4.65 11.01
C ALA A 277 -4.51 -5.57 11.76
N LYS A 278 -3.96 -6.39 12.66
CA LYS A 278 -4.83 -7.33 13.39
C LYS A 278 -5.86 -6.61 14.30
N ALA A 279 -5.46 -5.61 15.08
CA ALA A 279 -6.47 -4.79 15.81
C ALA A 279 -7.46 -4.06 14.90
N ALA A 280 -6.98 -3.63 13.72
CA ALA A 280 -7.87 -2.94 12.84
C ALA A 280 -9.00 -3.88 12.32
N LEU A 281 -8.72 -5.18 12.13
CA LEU A 281 -9.72 -6.11 11.67
C LEU A 281 -10.86 -6.22 12.69
N ALA A 282 -10.57 -5.93 13.96
CA ALA A 282 -11.63 -6.04 15.04
C ALA A 282 -12.43 -4.72 15.21
N HIS A 283 -12.07 -3.68 14.47
CA HIS A 283 -12.65 -2.35 14.74
C HIS A 283 -14.14 -2.40 14.32
N PRO A 284 -15.04 -1.67 15.05
CA PRO A 284 -16.47 -1.66 14.75
C PRO A 284 -16.80 -1.27 13.31
N PHE A 285 -15.94 -0.53 12.61
CA PHE A 285 -16.17 -0.21 11.21
C PHE A 285 -16.44 -1.46 10.41
N PHE A 286 -15.82 -2.59 10.79
CA PHE A 286 -16.03 -3.86 10.02
C PHE A 286 -17.22 -4.74 10.42
N GLN A 287 -18.05 -4.24 11.33
CA GLN A 287 -19.20 -5.02 11.87
C GLN A 287 -20.16 -5.48 10.76
N ASP A 288 -20.39 -4.65 9.78
CA ASP A 288 -21.27 -5.05 8.70
C ASP A 288 -20.53 -5.29 7.39
N VAL A 289 -19.28 -5.70 7.46
CA VAL A 289 -18.49 -5.88 6.19
C VAL A 289 -19.09 -7.04 5.36
N THR A 290 -19.08 -6.88 4.04
CA THR A 290 -19.56 -7.87 3.09
C THR A 290 -18.57 -7.93 1.93
N LYS A 291 -18.80 -8.81 0.98
CA LYS A 291 -17.88 -8.88 -0.16
C LYS A 291 -18.64 -8.61 -1.46
N PRO A 292 -18.83 -7.33 -1.85
CA PRO A 292 -19.51 -7.04 -3.06
C PRO A 292 -18.71 -7.36 -4.32
N VAL A 293 -19.36 -7.51 -5.44
CA VAL A 293 -18.56 -7.61 -6.66
C VAL A 293 -18.45 -6.24 -7.39
N PRO A 294 -17.26 -5.89 -7.87
CA PRO A 294 -17.21 -4.64 -8.62
C PRO A 294 -17.77 -4.74 -10.09
N HIS A 295 -18.18 -3.62 -10.66
CA HIS A 295 -18.49 -3.53 -12.11
C HIS A 295 -17.18 -3.18 -12.76
N LEU A 296 -16.61 -4.19 -13.41
CA LEU A 296 -15.25 -4.11 -13.97
C LEU A 296 -15.32 -4.21 -15.50
N ARG A 297 -14.79 -3.18 -16.16
CA ARG A 297 -14.67 -3.15 -17.62
C ARG A 297 -13.26 -3.52 -18.01
N LEU A 298 -13.11 -4.70 -18.62
CA LEU A 298 -11.80 -5.18 -19.08
C LEU A 298 -11.71 -5.12 -20.61
O1 I73 B . 3.16 -1.12 -9.20
C42 I73 B . 2.94 -2.32 -10.02
C43 I73 B . 3.62 -3.50 -9.33
N44 I73 B . 5.09 -3.29 -9.31
C45 I73 B . 5.75 -3.08 -10.60
C46 I73 B . 5.02 -1.98 -11.41
C41 I73 B . 3.49 -2.14 -11.47
C40 I73 B . 3.19 -3.30 -12.44
N18 I73 B . 1.79 -3.48 -12.85
C5 I73 B . 1.13 -4.68 -12.74
C4 I73 B . -0.16 -4.85 -13.26
C3 I73 B . -0.88 -6.09 -13.16
N2 I73 B . -0.27 -7.12 -12.56
N1 I73 B . -0.75 -8.44 -12.31
C9 I73 B . 0.27 -9.08 -11.62
C8 I73 B . 1.30 -8.11 -11.56
C26 I73 B . 2.63 -7.98 -10.89
C28 I73 B . 2.64 -8.04 -9.35
C27 I73 B . 3.93 -8.35 -11.62
C7 I73 B . 0.95 -6.91 -12.08
N6 I73 B . 1.71 -5.74 -12.14
N10 I73 B . -2.13 -6.21 -13.66
C11 I73 B . -2.95 -4.98 -13.86
C12 I73 B . -2.91 -4.53 -15.32
C17 I73 B . -2.34 -3.32 -15.69
C16 I73 B . -2.30 -2.91 -17.04
C15 I73 B . -2.83 -3.75 -18.05
C14 I73 B . -3.41 -4.97 -17.66
C13 I73 B . -3.43 -5.34 -16.31
#